data_9I10
#
_entry.id   9I10
#
_cell.length_a   58.352
_cell.length_b   46.394
_cell.length_c   63.356
_cell.angle_alpha   90.00
_cell.angle_beta   111.57
_cell.angle_gamma   90.00
#
_symmetry.space_group_name_H-M   'P 1 21 1'
#
loop_
_entity.id
_entity.type
_entity.pdbx_description
1 polymer 'Casein kinase II subunit alpha'
2 non-polymer (2~{Z},5~{Z})-5-[(4-methoxy-3-oxidanyl-phenyl)methylidene]-2-(3-methylphenyl)imino-1,3-thiazolidin-4-one
3 non-polymer 'SULFATE ION'
4 non-polymer 1,2-ETHANEDIOL
5 water water
#
_entity_poly.entity_id   1
_entity_poly.type   'polypeptide(L)'
_entity_poly.pdbx_seq_one_letter_code
;GPVPSRARVYTDVNTHRPREYWDYESHVVEWGNQDDYQLVRKLGRGKYSEVFEAINITNNEKVVVKILKPVKKKKIKREI
KILENLRGGPNIITLADIVKDPVSRTPALVFEHVNNTDFKQLYQTLTDYDIRFYMYEILKALDYCHSMGIMHRDVKPHNV
MIDHEHRKLRLIDWGLAEFYHPGQEYNVRVASRYFKGPELLVDYQMYDYSLDMWSLGCMLASMIFRKEPFFHGHDNYDQL
VRIAKVLGTEDLYDYIDKYNIELDPRFNDILGRHSRKRWERFVHSENQHLVSPEALDFLDKLLRYDHQSRLTAREAMEHP
YFYTVVKD
;
_entity_poly.pdbx_strand_id   A
#
loop_
_chem_comp.id
_chem_comp.type
_chem_comp.name
_chem_comp.formula
A1IYV non-polymer (2~{Z},5~{Z})-5-[(4-methoxy-3-oxidanyl-phenyl)methylidene]-2-(3-methylphenyl)imino-1,3-thiazolidin-4-one 'C18 H16 N2 O3 S'
EDO non-polymer 1,2-ETHANEDIOL 'C2 H6 O2'
SO4 non-polymer 'SULFATE ION' 'O4 S -2'
#
# COMPACT_ATOMS: atom_id res chain seq x y z
N GLY A 1 -18.47 -19.46 -13.61
CA GLY A 1 -18.01 -18.36 -12.77
C GLY A 1 -16.50 -18.23 -12.74
N PRO A 2 -16.00 -17.32 -11.91
CA PRO A 2 -14.55 -17.09 -11.87
C PRO A 2 -13.83 -18.24 -11.18
N VAL A 3 -12.62 -18.50 -11.65
CA VAL A 3 -11.74 -19.50 -11.04
C VAL A 3 -11.22 -18.95 -9.71
N PRO A 4 -11.18 -19.74 -8.65
CA PRO A 4 -10.68 -19.24 -7.36
C PRO A 4 -9.17 -19.06 -7.37
N SER A 5 -8.68 -18.34 -6.36
CA SER A 5 -7.27 -18.03 -6.20
C SER A 5 -6.91 -18.07 -4.71
N ARG A 6 -5.64 -18.42 -4.43
CA ARG A 6 -5.06 -18.40 -3.08
C ARG A 6 -3.75 -17.65 -3.11
N ALA A 7 -3.42 -16.96 -2.01
CA ALA A 7 -2.06 -16.47 -1.83
C ALA A 7 -1.06 -17.62 -1.89
N ARG A 8 0.09 -17.37 -2.50
CA ARG A 8 1.11 -18.41 -2.56
C ARG A 8 1.99 -18.45 -1.32
N VAL A 9 1.84 -17.45 -0.43
CA VAL A 9 2.57 -17.38 0.84
C VAL A 9 1.59 -16.94 1.91
N TYR A 10 1.95 -17.24 3.16
CA TYR A 10 1.18 -16.83 4.33
C TYR A 10 -0.30 -17.12 4.15
N THR A 11 -0.58 -18.23 3.47
CA THR A 11 -1.95 -18.54 3.10
C THR A 11 -2.81 -18.79 4.34
N ASP A 12 -2.27 -19.50 5.33
CA ASP A 12 -3.06 -20.00 6.44
C ASP A 12 -2.71 -19.33 7.76
N VAL A 13 -2.11 -18.14 7.73
CA VAL A 13 -1.66 -17.51 8.96
C VAL A 13 -2.85 -17.25 9.88
N ASN A 14 -3.95 -16.75 9.35
CA ASN A 14 -5.08 -16.42 10.22
C ASN A 14 -5.85 -17.65 10.66
N THR A 15 -5.87 -18.70 9.84
CA THR A 15 -6.57 -19.93 10.23
C THR A 15 -6.03 -20.47 11.55
N HIS A 16 -4.72 -20.38 11.75
CA HIS A 16 -4.07 -20.96 12.91
C HIS A 16 -3.76 -19.95 14.01
N ARG A 17 -4.01 -18.66 13.78
CA ARG A 17 -4.05 -17.71 14.86
C ARG A 17 -5.26 -17.99 15.74
N PRO A 18 -5.24 -17.56 16.99
CA PRO A 18 -6.49 -17.58 17.79
C PRO A 18 -7.51 -16.66 17.14
N ARG A 19 -8.79 -17.02 17.30
CA ARG A 19 -9.85 -16.29 16.61
C ARG A 19 -9.83 -14.80 16.96
N GLU A 20 -9.53 -14.47 18.23
CA GLU A 20 -9.47 -13.08 18.65
C GLU A 20 -8.50 -12.25 17.83
N TYR A 21 -7.51 -12.89 17.19
CA TYR A 21 -6.54 -12.13 16.40
C TYR A 21 -7.20 -11.44 15.22
N TRP A 22 -8.05 -12.16 14.48
CA TRP A 22 -8.64 -11.62 13.26
C TRP A 22 -10.12 -11.25 13.39
N ASP A 23 -10.78 -11.67 14.47
CA ASP A 23 -12.21 -11.42 14.64
C ASP A 23 -12.39 -10.02 15.24
N TYR A 24 -12.20 -9.00 14.41
CA TYR A 24 -12.14 -7.62 14.91
C TYR A 24 -13.48 -7.09 15.36
N GLU A 25 -14.59 -7.65 14.86
CA GLU A 25 -15.90 -7.21 15.32
C GLU A 25 -16.10 -7.46 16.81
N SER A 26 -15.37 -8.41 17.39
CA SER A 26 -15.47 -8.73 18.80
C SER A 26 -14.49 -7.94 19.66
N HIS A 27 -13.60 -7.19 19.03
CA HIS A 27 -12.56 -6.48 19.76
C HIS A 27 -13.16 -5.44 20.71
N VAL A 28 -12.65 -5.41 21.93
CA VAL A 28 -13.06 -4.42 22.92
C VAL A 28 -11.97 -3.35 22.97
N VAL A 29 -12.33 -2.12 22.60
CA VAL A 29 -11.36 -1.05 22.56
C VAL A 29 -10.97 -0.65 23.97
N GLU A 30 -9.67 -0.49 24.21
CA GLU A 30 -9.17 0.04 25.46
C GLU A 30 -8.89 1.53 25.28
N TRP A 31 -9.66 2.36 25.99
CA TRP A 31 -9.63 3.80 25.79
C TRP A 31 -8.63 4.45 26.73
N GLY A 32 -7.86 5.40 26.19
CA GLY A 32 -6.97 6.21 26.98
C GLY A 32 -7.63 7.48 27.49
N ASN A 33 -6.80 8.38 28.00
CA ASN A 33 -7.24 9.65 28.58
C ASN A 33 -7.22 10.73 27.50
N GLN A 34 -8.41 11.18 27.07
CA GLN A 34 -8.48 12.18 26.02
C GLN A 34 -7.77 13.49 26.41
N ASP A 35 -7.74 13.84 27.70
CA ASP A 35 -7.08 15.08 28.07
C ASP A 35 -5.56 15.01 28.03
N ASP A 36 -4.99 13.83 27.75
CA ASP A 36 -3.53 13.75 27.60
C ASP A 36 -3.03 14.43 26.33
N TYR A 37 -3.90 14.77 25.39
CA TYR A 37 -3.48 15.15 24.04
C TYR A 37 -4.09 16.51 23.72
N GLN A 38 -3.24 17.47 23.39
CA GLN A 38 -3.68 18.80 23.01
C GLN A 38 -3.41 19.00 21.52
N LEU A 39 -4.46 19.30 20.76
CA LEU A 39 -4.29 19.50 19.32
C LEU A 39 -3.54 20.80 19.07
N VAL A 40 -2.64 20.78 18.08
CA VAL A 40 -1.77 21.91 17.78
C VAL A 40 -2.06 22.49 16.40
N ARG A 41 -2.22 21.62 15.41
CA ARG A 41 -2.31 22.08 14.02
C ARG A 41 -3.03 21.00 13.21
N LYS A 42 -3.96 21.41 12.36
CA LYS A 42 -4.61 20.48 11.45
C LYS A 42 -3.65 20.18 10.30
N LEU A 43 -3.47 18.89 9.99
CA LEU A 43 -2.57 18.49 8.91
C LEU A 43 -3.30 18.10 7.64
N GLY A 44 -4.48 17.51 7.75
CA GLY A 44 -5.21 17.14 6.56
C GLY A 44 -6.62 16.72 6.89
N ARG A 45 -7.43 16.61 5.84
CA ARG A 45 -8.81 16.16 5.93
C ARG A 45 -9.08 15.21 4.78
N GLY A 46 -9.99 14.27 5.00
CA GLY A 46 -10.41 13.33 3.99
C GLY A 46 -11.84 12.89 4.23
N LYS A 47 -12.33 11.94 3.44
CA LYS A 47 -13.70 11.50 3.60
C LYS A 47 -13.91 10.72 4.90
N TYR A 48 -12.85 10.17 5.48
CA TYR A 48 -12.98 9.28 6.62
C TYR A 48 -12.42 9.84 7.93
N SER A 49 -11.64 10.91 7.90
CA SER A 49 -11.03 11.40 9.13
C SER A 49 -10.46 12.80 8.90
N GLU A 50 -10.07 13.43 10.01
CA GLU A 50 -9.20 14.60 10.01
C GLU A 50 -7.97 14.28 10.83
N VAL A 51 -6.84 14.82 10.44
CA VAL A 51 -5.55 14.47 11.04
C VAL A 51 -4.90 15.74 11.57
N PHE A 52 -4.36 15.65 12.78
CA PHE A 52 -3.80 16.78 13.49
C PHE A 52 -2.43 16.44 14.03
N GLU A 53 -1.56 17.44 14.07
CA GLU A 53 -0.41 17.38 14.97
C GLU A 53 -0.86 17.75 16.37
N ALA A 54 -0.35 17.03 17.36
CA ALA A 54 -0.75 17.26 18.74
C ALA A 54 0.46 17.09 19.64
N ILE A 55 0.27 17.44 20.91
CA ILE A 55 1.28 17.23 21.94
C ILE A 55 0.69 16.33 23.00
N ASN A 56 1.46 15.32 23.39
CA ASN A 56 1.14 14.48 24.54
C ASN A 56 1.67 15.18 25.76
N ILE A 57 0.78 15.76 26.58
CA ILE A 57 1.25 16.57 27.71
C ILE A 57 1.72 15.73 28.89
N THR A 58 1.69 14.40 28.80
CA THR A 58 2.31 13.58 29.83
C THR A 58 3.81 13.37 29.59
N ASN A 59 4.29 13.64 28.38
CA ASN A 59 5.72 13.60 28.09
C ASN A 59 6.19 14.76 27.22
N ASN A 60 5.32 15.71 26.90
CA ASN A 60 5.62 16.86 26.03
C ASN A 60 6.21 16.43 24.70
N GLU A 61 5.74 15.31 24.17
CA GLU A 61 6.19 14.82 22.87
C GLU A 61 5.13 15.03 21.82
N LYS A 62 5.57 15.28 20.59
CA LYS A 62 4.64 15.39 19.47
C LYS A 62 4.04 14.03 19.16
N VAL A 63 2.75 14.04 18.82
CA VAL A 63 2.03 12.88 18.35
C VAL A 63 1.16 13.34 17.20
N VAL A 64 0.55 12.39 16.50
CA VAL A 64 -0.39 12.67 15.43
C VAL A 64 -1.73 12.06 15.81
N VAL A 65 -2.78 12.85 15.70
CA VAL A 65 -4.11 12.41 16.11
C VAL A 65 -5.00 12.35 14.87
N LYS A 66 -5.57 11.17 14.62
CA LYS A 66 -6.52 10.98 13.53
C LYS A 66 -7.92 10.86 14.12
N ILE A 67 -8.74 11.89 13.92
CA ILE A 67 -10.09 11.90 14.48
C ILE A 67 -11.02 11.37 13.38
N LEU A 68 -11.60 10.20 13.62
CA LEU A 68 -12.35 9.53 12.57
C LEU A 68 -13.68 10.24 12.33
N LYS A 69 -14.04 10.34 11.06
CA LYS A 69 -15.38 10.76 10.72
C LYS A 69 -16.33 9.59 10.98
N PRO A 70 -17.63 9.86 11.11
CA PRO A 70 -18.58 8.76 11.32
C PRO A 70 -18.50 7.72 10.21
N VAL A 71 -18.09 6.50 10.60
CA VAL A 71 -18.07 5.34 9.73
C VAL A 71 -18.46 4.13 10.57
N LYS A 72 -18.76 3.02 9.90
CA LYS A 72 -19.33 1.88 10.60
C LYS A 72 -18.36 1.30 11.62
N LYS A 73 -18.92 0.88 12.76
CA LYS A 73 -18.12 0.47 13.92
C LYS A 73 -17.16 -0.67 13.58
N LYS A 74 -17.53 -1.53 12.63
CA LYS A 74 -16.66 -2.65 12.31
C LYS A 74 -15.41 -2.19 11.58
N LYS A 75 -15.52 -1.14 10.75
CA LYS A 75 -14.34 -0.63 10.05
C LYS A 75 -13.39 0.09 11.00
N ILE A 76 -13.94 0.79 12.00
CA ILE A 76 -13.10 1.37 13.04
C ILE A 76 -12.39 0.27 13.82
N LYS A 77 -13.14 -0.78 14.20
CA LYS A 77 -12.53 -1.87 14.95
C LYS A 77 -11.50 -2.61 14.12
N ARG A 78 -11.73 -2.72 12.80
CA ARG A 78 -10.78 -3.39 11.93
C ARG A 78 -9.45 -2.66 11.92
N GLU A 79 -9.48 -1.33 11.72
CA GLU A 79 -8.24 -0.57 11.69
C GLU A 79 -7.53 -0.62 13.05
N ILE A 80 -8.28 -0.47 14.14
CA ILE A 80 -7.69 -0.54 15.48
C ILE A 80 -7.04 -1.90 15.71
N LYS A 81 -7.77 -2.99 15.42
CA LYS A 81 -7.23 -4.32 15.66
C LYS A 81 -5.98 -4.58 14.82
N ILE A 82 -6.00 -4.15 13.56
CA ILE A 82 -4.83 -4.32 12.70
C ILE A 82 -3.64 -3.55 13.25
N LEU A 83 -3.85 -2.30 13.67
CA LEU A 83 -2.76 -1.50 14.22
C LEU A 83 -2.21 -2.12 15.51
N GLU A 84 -3.09 -2.67 16.35
CA GLU A 84 -2.61 -3.33 17.56
C GLU A 84 -1.89 -4.63 17.21
N ASN A 85 -2.37 -5.38 16.22
CA ASN A 85 -1.70 -6.62 15.86
C ASN A 85 -0.30 -6.37 15.31
N LEU A 86 -0.12 -5.28 14.57
CA LEU A 86 1.14 -5.00 13.90
C LEU A 86 2.09 -4.13 14.71
N ARG A 87 1.65 -3.63 15.87
CA ARG A 87 2.45 -2.69 16.63
C ARG A 87 3.80 -3.29 16.99
N GLY A 88 4.86 -2.49 16.81
CA GLY A 88 6.22 -2.92 17.04
C GLY A 88 6.90 -3.56 15.85
N GLY A 89 6.15 -3.90 14.80
CA GLY A 89 6.73 -4.48 13.62
C GLY A 89 7.59 -3.51 12.85
N PRO A 90 8.46 -4.02 12.00
CA PRO A 90 9.41 -3.16 11.27
C PRO A 90 8.70 -2.13 10.42
N ASN A 91 8.98 -0.85 10.70
CA ASN A 91 8.52 0.28 9.90
C ASN A 91 7.00 0.41 9.86
N ILE A 92 6.30 -0.19 10.81
CA ILE A 92 4.85 -0.01 10.96
C ILE A 92 4.62 1.18 11.88
N ILE A 93 3.76 2.13 11.47
CA ILE A 93 3.43 3.23 12.37
C ILE A 93 2.87 2.70 13.68
N THR A 94 3.30 3.31 14.78
CA THR A 94 2.90 2.89 16.13
C THR A 94 1.63 3.61 16.56
N LEU A 95 0.58 2.84 16.83
CA LEU A 95 -0.60 3.36 17.52
C LEU A 95 -0.24 3.51 19.00
N ALA A 96 -0.20 4.75 19.47
CA ALA A 96 0.17 5.01 20.86
C ALA A 96 -1.02 4.96 21.80
N ASP A 97 -2.20 5.31 21.32
CA ASP A 97 -3.37 5.46 22.18
C ASP A 97 -4.61 5.56 21.31
N ILE A 98 -5.77 5.36 21.95
CA ILE A 98 -7.07 5.54 21.34
C ILE A 98 -7.92 6.27 22.36
N VAL A 99 -8.52 7.39 21.96
CA VAL A 99 -9.32 8.17 22.90
C VAL A 99 -10.64 8.55 22.23
N LYS A 100 -11.62 8.90 23.06
CA LYS A 100 -12.93 9.34 22.58
C LYS A 100 -12.91 10.86 22.43
N ASP A 101 -13.07 11.34 21.21
CA ASP A 101 -13.08 12.78 21.03
C ASP A 101 -14.44 13.31 21.44
N PRO A 102 -14.50 14.32 22.31
CA PRO A 102 -15.80 14.80 22.81
C PRO A 102 -16.56 15.64 21.82
N VAL A 103 -15.89 16.22 20.83
CA VAL A 103 -16.56 17.06 19.83
C VAL A 103 -17.10 16.23 18.69
N SER A 104 -16.26 15.36 18.14
CA SER A 104 -16.68 14.54 17.02
C SER A 104 -17.61 13.42 17.44
N ARG A 105 -17.54 13.02 18.72
CA ARG A 105 -18.25 11.85 19.21
C ARG A 105 -17.80 10.58 18.49
N THR A 106 -16.51 10.54 18.15
CA THR A 106 -15.91 9.40 17.44
C THR A 106 -14.54 9.07 18.04
N PRO A 107 -13.97 7.91 17.73
CA PRO A 107 -12.62 7.61 18.22
C PRO A 107 -11.57 8.48 17.54
N ALA A 108 -10.53 8.79 18.31
CA ALA A 108 -9.35 9.50 17.82
C ALA A 108 -8.15 8.60 18.07
N LEU A 109 -7.47 8.21 16.99
CA LEU A 109 -6.30 7.35 17.09
C LEU A 109 -5.07 8.23 17.26
N VAL A 110 -4.22 7.88 18.22
CA VAL A 110 -3.02 8.66 18.51
C VAL A 110 -1.82 7.85 18.04
N PHE A 111 -1.03 8.43 17.14
CA PHE A 111 0.12 7.79 16.53
C PHE A 111 1.40 8.48 16.94
N GLU A 112 2.49 7.71 16.93
CA GLU A 112 3.80 8.33 16.97
C GLU A 112 3.92 9.35 15.84
N HIS A 113 4.72 10.38 16.07
CA HIS A 113 4.90 11.43 15.08
C HIS A 113 6.16 11.16 14.26
N VAL A 114 6.05 11.33 12.93
CA VAL A 114 7.20 11.28 12.04
C VAL A 114 7.44 12.67 11.51
N ASN A 115 8.68 13.16 11.63
CA ASN A 115 9.07 14.45 11.07
C ASN A 115 9.40 14.23 9.59
N ASN A 116 8.35 14.20 8.78
CA ASN A 116 8.48 13.75 7.39
C ASN A 116 8.64 14.93 6.42
N THR A 117 9.14 14.61 5.23
CA THR A 117 9.19 15.56 4.12
C THR A 117 8.24 15.12 3.02
N ASP A 118 7.54 16.09 2.43
CA ASP A 118 6.48 15.80 1.47
C ASP A 118 7.01 15.04 0.26
N PHE A 119 6.24 14.04 -0.19
CA PHE A 119 6.75 13.17 -1.26
C PHE A 119 6.89 13.94 -2.56
N LYS A 120 6.04 14.95 -2.79
CA LYS A 120 6.18 15.76 -4.00
C LYS A 120 7.48 16.55 -3.98
N GLN A 121 8.05 16.80 -2.80
CA GLN A 121 9.36 17.43 -2.71
C GLN A 121 10.47 16.40 -2.49
N LEU A 122 10.18 15.33 -1.76
CA LEU A 122 11.19 14.31 -1.49
C LEU A 122 11.57 13.55 -2.75
N TYR A 123 10.61 13.27 -3.62
CA TYR A 123 10.95 12.46 -4.77
C TYR A 123 11.83 13.22 -5.77
N GLN A 124 11.82 14.56 -5.73
CA GLN A 124 12.74 15.36 -6.53
C GLN A 124 14.19 15.18 -6.12
N THR A 125 14.48 14.72 -4.89
CA THR A 125 15.83 14.74 -4.38
C THR A 125 16.45 13.37 -4.13
N LEU A 126 15.64 12.31 -4.06
CA LEU A 126 16.17 11.00 -3.73
C LEU A 126 17.14 10.51 -4.80
N THR A 127 18.28 9.98 -4.35
CA THR A 127 19.26 9.38 -5.24
C THR A 127 18.88 7.94 -5.55
N ASP A 128 19.61 7.35 -6.51
CA ASP A 128 19.48 5.93 -6.79
C ASP A 128 19.62 5.11 -5.50
N TYR A 129 20.66 5.41 -4.71
CA TYR A 129 20.87 4.70 -3.47
C TYR A 129 19.68 4.92 -2.52
N ASP A 130 19.18 6.15 -2.43
CA ASP A 130 18.04 6.44 -1.55
C ASP A 130 16.83 5.57 -1.91
N ILE A 131 16.52 5.47 -3.20
CA ILE A 131 15.35 4.73 -3.66
C ILE A 131 15.46 3.26 -3.29
N ARG A 132 16.65 2.67 -3.51
CA ARG A 132 16.84 1.27 -3.15
C ARG A 132 16.65 1.09 -1.64
N PHE A 133 17.26 2.00 -0.86
CA PHE A 133 17.20 1.92 0.60
C PHE A 133 15.77 1.98 1.09
N TYR A 134 15.02 2.97 0.64
CA TYR A 134 13.66 3.14 1.13
C TYR A 134 12.73 2.06 0.58
N MET A 135 12.97 1.59 -0.65
CA MET A 135 12.18 0.45 -1.11
C MET A 135 12.38 -0.77 -0.22
N TYR A 136 13.62 -1.03 0.19
CA TYR A 136 13.89 -2.15 1.08
C TYR A 136 13.16 -1.96 2.41
N GLU A 137 13.15 -0.72 2.92
CA GLU A 137 12.46 -0.44 4.18
C GLU A 137 10.95 -0.67 4.04
N ILE A 138 10.36 -0.28 2.90
CA ILE A 138 8.94 -0.55 2.67
C ILE A 138 8.69 -2.04 2.64
N LEU A 139 9.57 -2.79 1.98
CA LEU A 139 9.41 -4.23 1.89
C LEU A 139 9.44 -4.89 3.25
N LYS A 140 10.27 -4.38 4.18
CA LYS A 140 10.27 -4.92 5.53
C LYS A 140 8.90 -4.78 6.18
N ALA A 141 8.24 -3.64 5.97
CA ALA A 141 6.91 -3.42 6.50
C ALA A 141 5.89 -4.34 5.84
N LEU A 142 5.99 -4.49 4.51
CA LEU A 142 5.01 -5.31 3.79
C LEU A 142 5.21 -6.79 4.08
N ASP A 143 6.46 -7.27 4.09
CA ASP A 143 6.62 -8.68 4.48
C ASP A 143 6.12 -8.92 5.89
N TYR A 144 6.35 -7.97 6.80
CA TYR A 144 5.84 -8.15 8.16
C TYR A 144 4.31 -8.25 8.15
N CYS A 145 3.62 -7.26 7.57
CA CYS A 145 2.17 -7.31 7.70
C CYS A 145 1.59 -8.50 6.94
N HIS A 146 2.16 -8.85 5.79
CA HIS A 146 1.72 -10.05 5.08
C HIS A 146 1.94 -11.30 5.95
N SER A 147 3.12 -11.42 6.56
CA SER A 147 3.41 -12.55 7.44
C SER A 147 2.48 -12.59 8.65
N MET A 148 1.88 -11.46 8.99
CA MET A 148 0.91 -11.36 10.08
C MET A 148 -0.52 -11.47 9.58
N GLY A 149 -0.72 -11.89 8.32
CA GLY A 149 -2.05 -12.12 7.82
C GLY A 149 -2.82 -10.91 7.35
N ILE A 150 -2.14 -9.80 7.06
CA ILE A 150 -2.82 -8.55 6.76
C ILE A 150 -2.33 -8.00 5.42
N MET A 151 -3.26 -7.54 4.59
CA MET A 151 -2.91 -6.77 3.40
C MET A 151 -3.26 -5.31 3.62
N HIS A 152 -2.38 -4.43 3.15
CA HIS A 152 -2.53 -3.01 3.41
C HIS A 152 -3.61 -2.39 2.53
N ARG A 153 -3.56 -2.65 1.23
CA ARG A 153 -4.57 -2.29 0.23
C ARG A 153 -4.61 -0.80 -0.07
N ASP A 154 -3.65 -0.02 0.41
CA ASP A 154 -3.61 1.40 0.04
C ASP A 154 -2.17 1.87 0.00
N VAL A 155 -1.28 1.05 -0.58
CA VAL A 155 0.12 1.46 -0.70
C VAL A 155 0.22 2.54 -1.78
N LYS A 156 0.80 3.67 -1.42
CA LYS A 156 1.00 4.82 -2.30
C LYS A 156 1.97 5.76 -1.60
N PRO A 157 2.57 6.71 -2.34
CA PRO A 157 3.57 7.58 -1.71
C PRO A 157 3.06 8.34 -0.49
N HIS A 158 1.81 8.79 -0.53
CA HIS A 158 1.20 9.54 0.57
C HIS A 158 1.15 8.74 1.85
N ASN A 159 1.23 7.41 1.79
CA ASN A 159 1.13 6.58 2.97
C ASN A 159 2.47 6.03 3.42
N VAL A 160 3.56 6.57 2.89
CA VAL A 160 4.90 6.22 3.33
C VAL A 160 5.50 7.49 3.91
N MET A 161 5.57 7.58 5.23
CA MET A 161 6.15 8.74 5.89
C MET A 161 7.65 8.52 6.03
N ILE A 162 8.43 9.46 5.51
CA ILE A 162 9.89 9.36 5.55
C ILE A 162 10.47 10.56 6.26
N ASP A 163 11.20 10.31 7.34
CA ASP A 163 12.04 11.33 7.99
C ASP A 163 13.43 11.17 7.40
N HIS A 164 13.72 11.96 6.36
CA HIS A 164 14.94 11.76 5.59
C HIS A 164 16.18 12.05 6.41
N GLU A 165 16.07 12.91 7.44
CA GLU A 165 17.24 13.24 8.25
C GLU A 165 17.76 12.03 8.99
N HIS A 166 16.86 11.21 9.55
CA HIS A 166 17.24 10.02 10.29
C HIS A 166 17.05 8.73 9.49
N ARG A 167 16.76 8.84 8.20
CA ARG A 167 16.61 7.67 7.33
C ARG A 167 15.58 6.70 7.90
N LYS A 168 14.49 7.26 8.42
CA LYS A 168 13.42 6.54 9.10
C LYS A 168 12.17 6.54 8.24
N LEU A 169 11.52 5.39 8.14
CA LEU A 169 10.33 5.22 7.29
C LEU A 169 9.23 4.56 8.09
N ARG A 170 7.98 5.03 7.90
CA ARG A 170 6.82 4.38 8.49
C ARG A 170 5.71 4.25 7.46
N LEU A 171 5.14 3.05 7.38
CA LEU A 171 3.95 2.80 6.57
C LEU A 171 2.72 3.15 7.42
N ILE A 172 1.91 4.07 6.91
CA ILE A 172 0.77 4.63 7.66
C ILE A 172 -0.55 4.30 6.97
N ASP A 173 -1.65 4.77 7.56
CA ASP A 173 -3.02 4.71 7.04
C ASP A 173 -3.52 3.29 6.74
N TRP A 174 -3.69 2.55 7.82
CA TRP A 174 -4.20 1.19 7.79
C TRP A 174 -5.72 1.10 7.75
N GLY A 175 -6.40 2.19 7.38
CA GLY A 175 -7.85 2.22 7.35
C GLY A 175 -8.50 1.36 6.27
N LEU A 176 -7.77 1.00 5.22
CA LEU A 176 -8.28 0.07 4.22
C LEU A 176 -7.75 -1.35 4.39
N ALA A 177 -6.87 -1.58 5.36
CA ALA A 177 -6.24 -2.89 5.49
C ALA A 177 -7.24 -3.96 5.89
N GLU A 178 -6.94 -5.20 5.51
CA GLU A 178 -7.83 -6.32 5.80
C GLU A 178 -7.02 -7.56 6.16
N PHE A 179 -7.67 -8.44 6.91
CA PHE A 179 -7.14 -9.78 7.15
C PHE A 179 -7.34 -10.67 5.94
N TYR A 180 -6.30 -11.39 5.55
CA TYR A 180 -6.38 -12.34 4.46
C TYR A 180 -6.91 -13.68 4.94
N HIS A 181 -7.99 -14.14 4.33
CA HIS A 181 -8.54 -15.47 4.60
C HIS A 181 -8.70 -16.18 3.28
N PRO A 182 -8.15 -17.39 3.13
CA PRO A 182 -8.22 -18.10 1.83
C PRO A 182 -9.66 -18.25 1.36
N GLY A 183 -9.89 -17.95 0.09
CA GLY A 183 -11.20 -18.08 -0.50
C GLY A 183 -12.13 -16.91 -0.26
N GLN A 184 -11.75 -15.93 0.55
CA GLN A 184 -12.61 -14.80 0.81
C GLN A 184 -12.62 -13.83 -0.37
N GLU A 185 -13.81 -13.34 -0.69
CA GLU A 185 -13.96 -12.31 -1.72
C GLU A 185 -13.98 -10.94 -1.05
N TYR A 186 -13.18 -10.02 -1.59
CA TYR A 186 -12.98 -8.71 -0.98
C TYR A 186 -13.57 -7.62 -1.87
N ASN A 187 -13.80 -6.46 -1.25
CA ASN A 187 -14.24 -5.28 -2.00
C ASN A 187 -13.12 -4.83 -2.94
N VAL A 188 -13.46 -4.54 -4.20
CA VAL A 188 -12.45 -4.06 -5.12
C VAL A 188 -12.30 -2.54 -5.09
N ARG A 189 -13.14 -1.84 -4.34
CA ARG A 189 -13.05 -0.38 -4.23
C ARG A 189 -12.07 0.01 -3.12
N VAL A 190 -10.83 -0.39 -3.33
CA VAL A 190 -9.71 -0.07 -2.44
C VAL A 190 -8.58 0.49 -3.28
N ALA A 191 -7.56 1.01 -2.59
CA ALA A 191 -6.38 1.64 -3.17
C ALA A 191 -6.73 2.89 -3.96
N SER A 192 -5.76 3.79 -4.14
CA SER A 192 -5.97 4.95 -4.97
C SER A 192 -5.82 4.58 -6.44
N ARG A 193 -6.55 5.29 -7.30
CA ARG A 193 -6.67 4.93 -8.73
C ARG A 193 -5.35 4.50 -9.36
N TYR A 194 -4.31 5.34 -9.21
CA TYR A 194 -3.06 5.10 -9.93
C TYR A 194 -2.33 3.88 -9.44
N PHE A 195 -2.70 3.37 -8.26
CA PHE A 195 -2.02 2.24 -7.63
C PHE A 195 -2.89 1.00 -7.58
N LYS A 196 -4.08 1.05 -8.18
CA LYS A 196 -4.97 -0.10 -8.19
C LYS A 196 -4.39 -1.21 -9.06
N GLY A 197 -4.37 -2.43 -8.53
CA GLY A 197 -3.91 -3.57 -9.30
C GLY A 197 -4.92 -3.97 -10.35
N PRO A 198 -4.45 -4.65 -11.39
CA PRO A 198 -5.36 -5.19 -12.41
C PRO A 198 -6.51 -6.00 -11.84
N GLU A 199 -6.29 -6.76 -10.76
CA GLU A 199 -7.39 -7.53 -10.17
C GLU A 199 -8.55 -6.63 -9.77
N LEU A 200 -8.24 -5.44 -9.25
CA LEU A 200 -9.32 -4.53 -8.88
C LEU A 200 -10.01 -3.98 -10.12
N LEU A 201 -9.22 -3.69 -11.16
CA LEU A 201 -9.75 -3.04 -12.35
C LEU A 201 -10.55 -3.99 -13.22
N VAL A 202 -10.36 -5.30 -13.08
CA VAL A 202 -11.18 -6.27 -13.80
C VAL A 202 -12.22 -6.91 -12.87
N ASP A 203 -12.36 -6.42 -11.63
CA ASP A 203 -13.40 -6.85 -10.68
C ASP A 203 -13.20 -8.29 -10.23
N TYR A 204 -11.95 -8.69 -10.01
CA TYR A 204 -11.65 -10.02 -9.45
C TYR A 204 -11.50 -9.89 -7.94
N GLN A 205 -12.44 -10.47 -7.19
CA GLN A 205 -12.53 -10.18 -5.76
C GLN A 205 -11.67 -11.08 -4.87
N MET A 206 -11.19 -12.22 -5.37
CA MET A 206 -10.49 -13.19 -4.50
C MET A 206 -8.99 -12.93 -4.55
N TYR A 207 -8.61 -11.70 -4.20
CA TYR A 207 -7.22 -11.26 -4.29
C TYR A 207 -6.54 -11.40 -2.93
N ASP A 208 -5.28 -10.99 -2.85
CA ASP A 208 -4.51 -11.27 -1.64
C ASP A 208 -3.41 -10.23 -1.46
N TYR A 209 -2.41 -10.58 -0.64
CA TYR A 209 -1.28 -9.69 -0.35
C TYR A 209 -0.62 -9.14 -1.60
N SER A 210 -0.66 -9.91 -2.69
CA SER A 210 0.03 -9.51 -3.91
C SER A 210 -0.51 -8.22 -4.51
N LEU A 211 -1.72 -7.77 -4.11
CA LEU A 211 -2.18 -6.45 -4.50
C LEU A 211 -1.18 -5.37 -4.09
N ASP A 212 -0.64 -5.49 -2.86
CA ASP A 212 0.29 -4.48 -2.35
C ASP A 212 1.56 -4.44 -3.20
N MET A 213 1.92 -5.57 -3.82
CA MET A 213 3.13 -5.60 -4.61
C MET A 213 2.96 -4.89 -5.94
N TRP A 214 1.77 -4.95 -6.53
CA TRP A 214 1.49 -4.10 -7.70
C TRP A 214 1.62 -2.64 -7.34
N SER A 215 0.96 -2.23 -6.25
CA SER A 215 1.02 -0.84 -5.84
C SER A 215 2.46 -0.40 -5.62
N LEU A 216 3.27 -1.26 -5.00
CA LEU A 216 4.69 -0.95 -4.79
C LEU A 216 5.41 -0.79 -6.12
N GLY A 217 5.11 -1.65 -7.08
CA GLY A 217 5.73 -1.50 -8.39
C GLY A 217 5.37 -0.19 -9.06
N CYS A 218 4.12 0.27 -8.89
CA CYS A 218 3.73 1.57 -9.41
C CYS A 218 4.55 2.68 -8.78
N MET A 219 4.77 2.60 -7.46
CA MET A 219 5.62 3.59 -6.80
C MET A 219 7.03 3.55 -7.36
N LEU A 220 7.59 2.35 -7.48
CA LEU A 220 8.96 2.21 -7.99
C LEU A 220 9.09 2.81 -9.38
N ALA A 221 8.14 2.50 -10.26
CA ALA A 221 8.19 3.01 -11.62
C ALA A 221 8.20 4.52 -11.63
N SER A 222 7.37 5.13 -10.79
CA SER A 222 7.31 6.58 -10.74
CA SER A 222 7.31 6.59 -10.73
C SER A 222 8.63 7.18 -10.24
N MET A 223 9.31 6.50 -9.33
CA MET A 223 10.55 7.04 -8.78
C MET A 223 11.72 6.88 -9.75
N ILE A 224 11.91 5.68 -10.32
CA ILE A 224 13.09 5.51 -11.16
C ILE A 224 12.92 6.18 -12.52
N PHE A 225 11.68 6.35 -13.00
CA PHE A 225 11.48 6.98 -14.30
C PHE A 225 11.14 8.46 -14.19
N ARG A 226 10.92 8.97 -12.99
CA ARG A 226 10.60 10.38 -12.77
C ARG A 226 9.31 10.76 -13.50
N LYS A 227 8.26 9.98 -13.25
CA LYS A 227 6.94 10.22 -13.83
C LYS A 227 5.93 9.83 -12.77
N GLU A 228 5.34 10.82 -12.10
CA GLU A 228 4.49 10.55 -10.95
C GLU A 228 3.11 11.14 -11.19
N PRO A 229 2.04 10.32 -11.21
CA PRO A 229 2.10 8.87 -11.13
C PRO A 229 2.52 8.25 -12.47
N PHE A 230 2.90 6.98 -12.43
CA PHE A 230 3.36 6.35 -13.66
C PHE A 230 2.18 6.05 -14.58
N PHE A 231 1.22 5.25 -14.10
CA PHE A 231 -0.01 4.96 -14.84
C PHE A 231 -1.06 6.00 -14.46
N HIS A 232 -1.28 6.98 -15.32
CA HIS A 232 -2.02 8.19 -14.96
C HIS A 232 -3.38 8.17 -15.64
N GLY A 233 -4.27 7.32 -15.12
CA GLY A 233 -5.60 7.19 -15.70
C GLY A 233 -6.56 8.29 -15.30
N HIS A 234 -7.49 8.61 -16.20
CA HIS A 234 -8.53 9.62 -15.94
C HIS A 234 -9.68 9.08 -15.10
N ASP A 235 -9.86 7.76 -15.09
CA ASP A 235 -10.88 7.08 -14.32
C ASP A 235 -10.43 5.63 -14.23
N ASN A 236 -11.27 4.77 -13.64
CA ASN A 236 -10.82 3.39 -13.41
C ASN A 236 -10.77 2.58 -14.69
N TYR A 237 -11.54 2.94 -15.71
CA TYR A 237 -11.45 2.24 -16.98
C TYR A 237 -10.21 2.66 -17.75
N ASP A 238 -9.98 3.97 -17.84
CA ASP A 238 -8.77 4.46 -18.49
C ASP A 238 -7.52 3.99 -17.76
N GLN A 239 -7.61 3.78 -16.45
CA GLN A 239 -6.46 3.26 -15.70
C GLN A 239 -6.01 1.92 -16.26
N LEU A 240 -6.96 1.02 -16.54
CA LEU A 240 -6.59 -0.27 -17.10
C LEU A 240 -6.05 -0.11 -18.52
N VAL A 241 -6.63 0.80 -19.31
CA VAL A 241 -6.08 1.06 -20.64
C VAL A 241 -4.64 1.55 -20.56
N ARG A 242 -4.33 2.45 -19.62
CA ARG A 242 -2.96 2.93 -19.47
C ARG A 242 -2.01 1.79 -19.14
N ILE A 243 -2.44 0.88 -18.27
CA ILE A 243 -1.62 -0.29 -17.96
C ILE A 243 -1.43 -1.15 -19.19
N ALA A 244 -2.51 -1.36 -19.94
CA ALA A 244 -2.43 -2.22 -21.12
C ALA A 244 -1.57 -1.65 -22.23
N LYS A 245 -1.42 -0.33 -22.30
CA LYS A 245 -0.51 0.25 -23.27
C LYS A 245 0.96 -0.04 -22.94
N VAL A 246 1.26 -0.49 -21.74
CA VAL A 246 2.62 -0.83 -21.34
C VAL A 246 2.83 -2.34 -21.26
N LEU A 247 1.93 -3.05 -20.57
CA LEU A 247 2.03 -4.49 -20.44
CA LEU A 247 2.02 -4.49 -20.42
C LEU A 247 1.42 -5.24 -21.61
N GLY A 248 0.65 -4.56 -22.45
CA GLY A 248 0.08 -5.16 -23.65
C GLY A 248 -1.27 -5.81 -23.40
N THR A 249 -2.05 -5.89 -24.48
CA THR A 249 -3.38 -6.46 -24.33
C THR A 249 -3.41 -7.98 -24.37
N GLU A 250 -2.46 -8.62 -25.06
CA GLU A 250 -2.53 -10.09 -25.11
C GLU A 250 -2.35 -10.72 -23.74
N ASP A 251 -1.43 -10.19 -22.92
CA ASP A 251 -1.27 -10.72 -21.59
C ASP A 251 -2.41 -10.32 -20.65
N LEU A 252 -3.10 -9.22 -20.93
CA LEU A 252 -4.31 -8.92 -20.19
C LEU A 252 -5.37 -9.98 -20.48
N TYR A 253 -5.53 -10.35 -21.75
CA TYR A 253 -6.49 -11.40 -22.07
C TYR A 253 -6.06 -12.73 -21.50
N ASP A 254 -4.75 -13.01 -21.46
CA ASP A 254 -4.30 -14.25 -20.82
C ASP A 254 -4.70 -14.25 -19.35
N TYR A 255 -4.56 -13.11 -18.68
CA TYR A 255 -4.91 -13.02 -17.28
C TYR A 255 -6.38 -13.29 -17.05
N ILE A 256 -7.25 -12.56 -17.74
CA ILE A 256 -8.66 -12.75 -17.46
C ILE A 256 -9.12 -14.13 -17.92
N ASP A 257 -8.49 -14.70 -18.97
CA ASP A 257 -8.85 -16.05 -19.39
C ASP A 257 -8.44 -17.10 -18.37
N LYS A 258 -7.30 -16.89 -17.71
CA LYS A 258 -6.86 -17.82 -16.67
C LYS A 258 -7.89 -17.91 -15.55
N TYR A 259 -8.45 -16.77 -15.14
CA TYR A 259 -9.40 -16.77 -14.04
C TYR A 259 -10.85 -16.80 -14.52
N ASN A 260 -11.05 -17.02 -15.83
CA ASN A 260 -12.39 -17.12 -16.44
C ASN A 260 -13.22 -15.88 -16.10
N ILE A 261 -12.58 -14.69 -16.21
CA ILE A 261 -13.11 -13.34 -15.99
C ILE A 261 -13.50 -12.74 -17.33
N GLU A 262 -14.57 -11.94 -17.35
CA GLU A 262 -14.92 -11.11 -18.51
C GLU A 262 -14.66 -9.64 -18.21
N LEU A 263 -14.10 -8.93 -19.18
CA LEU A 263 -14.01 -7.49 -19.05
C LEU A 263 -15.39 -6.85 -19.16
N ASP A 264 -15.55 -5.74 -18.46
CA ASP A 264 -16.68 -4.86 -18.69
C ASP A 264 -16.82 -4.59 -20.19
N PRO A 265 -18.00 -4.79 -20.78
CA PRO A 265 -18.13 -4.53 -22.23
C PRO A 265 -17.81 -3.09 -22.61
N ARG A 266 -17.76 -2.17 -21.65
CA ARG A 266 -17.42 -0.81 -22.04
C ARG A 266 -15.97 -0.67 -22.50
N PHE A 267 -15.13 -1.69 -22.25
CA PHE A 267 -13.77 -1.68 -22.79
C PHE A 267 -13.71 -1.96 -24.28
N ASN A 268 -14.80 -2.42 -24.90
CA ASN A 268 -14.74 -2.78 -26.32
C ASN A 268 -14.37 -1.59 -27.19
N ASP A 269 -14.72 -0.38 -26.78
CA ASP A 269 -14.46 0.81 -27.57
C ASP A 269 -13.17 1.53 -27.19
N ILE A 270 -12.55 1.19 -26.07
CA ILE A 270 -11.44 1.99 -25.55
C ILE A 270 -10.14 1.21 -25.39
N LEU A 271 -10.18 -0.12 -25.36
CA LEU A 271 -8.98 -0.88 -24.98
C LEU A 271 -7.96 -0.97 -26.11
N GLY A 272 -8.39 -1.20 -27.34
CA GLY A 272 -7.48 -1.32 -28.46
C GLY A 272 -6.64 -2.60 -28.40
N ARG A 273 -5.61 -2.63 -29.26
CA ARG A 273 -4.61 -3.70 -29.27
C ARG A 273 -3.24 -3.07 -29.06
N HIS A 274 -2.49 -3.58 -28.08
CA HIS A 274 -1.22 -2.99 -27.71
C HIS A 274 -0.21 -4.08 -27.46
N SER A 275 0.98 -3.91 -28.03
CA SER A 275 2.08 -4.81 -27.72
C SER A 275 2.59 -4.55 -26.30
N ARG A 276 3.24 -5.56 -25.74
CA ARG A 276 3.99 -5.34 -24.51
C ARG A 276 5.25 -4.55 -24.83
N LYS A 277 5.58 -3.60 -23.97
CA LYS A 277 6.71 -2.71 -24.20
C LYS A 277 7.91 -3.19 -23.39
N ARG A 278 9.09 -2.79 -23.83
CA ARG A 278 10.30 -3.00 -23.05
C ARG A 278 10.52 -1.79 -22.16
N TRP A 279 10.97 -2.03 -20.93
CA TRP A 279 11.05 -0.95 -19.95
C TRP A 279 12.06 0.11 -20.35
N GLU A 280 13.03 -0.23 -21.21
CA GLU A 280 14.02 0.75 -21.63
C GLU A 280 13.40 1.94 -22.35
N ARG A 281 12.20 1.79 -22.89
CA ARG A 281 11.56 2.91 -23.58
C ARG A 281 11.32 4.10 -22.66
N PHE A 282 11.23 3.89 -21.35
CA PHE A 282 10.93 4.99 -20.43
C PHE A 282 12.18 5.64 -19.87
N VAL A 283 13.35 5.15 -20.24
CA VAL A 283 14.62 5.72 -19.81
C VAL A 283 14.98 6.88 -20.71
N HIS A 284 15.45 7.96 -20.11
CA HIS A 284 15.93 9.12 -20.85
C HIS A 284 17.03 9.80 -20.04
N SER A 285 17.59 10.87 -20.61
CA SER A 285 18.77 11.47 -19.99
C SER A 285 18.48 12.03 -18.59
N GLU A 286 17.22 12.34 -18.26
CA GLU A 286 16.94 12.95 -16.97
C GLU A 286 16.55 11.94 -15.90
N ASN A 287 16.42 10.66 -16.23
CA ASN A 287 16.20 9.65 -15.22
C ASN A 287 17.22 8.52 -15.25
N GLN A 288 18.17 8.53 -16.20
CA GLN A 288 18.98 7.32 -16.37
C GLN A 288 19.87 7.04 -15.15
N HIS A 289 20.17 8.05 -14.34
CA HIS A 289 20.97 7.83 -13.14
C HIS A 289 20.21 7.02 -12.09
N LEU A 290 18.89 6.88 -12.23
CA LEU A 290 18.08 6.10 -11.31
C LEU A 290 17.79 4.71 -11.84
N VAL A 291 18.18 4.41 -13.06
CA VAL A 291 17.84 3.16 -13.74
C VAL A 291 19.10 2.32 -13.87
N SER A 292 18.93 1.02 -13.68
CA SER A 292 19.96 0.01 -13.79
C SER A 292 19.28 -1.23 -14.33
N PRO A 293 20.05 -2.20 -14.86
CA PRO A 293 19.39 -3.45 -15.28
C PRO A 293 18.69 -4.13 -14.12
N GLU A 294 19.27 -4.04 -12.92
CA GLU A 294 18.63 -4.63 -11.75
C GLU A 294 17.29 -3.96 -11.44
N ALA A 295 17.23 -2.62 -11.54
CA ALA A 295 15.97 -1.91 -11.28
C ALA A 295 14.89 -2.33 -12.26
N LEU A 296 15.24 -2.44 -13.55
CA LEU A 296 14.25 -2.79 -14.56
C LEU A 296 13.78 -4.24 -14.39
N ASP A 297 14.68 -5.15 -14.06
CA ASP A 297 14.24 -6.52 -13.83
C ASP A 297 13.34 -6.60 -12.60
N PHE A 298 13.71 -5.91 -11.52
CA PHE A 298 12.88 -5.89 -10.32
C PHE A 298 11.51 -5.33 -10.64
N LEU A 299 11.46 -4.19 -11.34
CA LEU A 299 10.17 -3.59 -11.67
C LEU A 299 9.33 -4.55 -12.50
N ASP A 300 9.97 -5.18 -13.49
CA ASP A 300 9.30 -6.12 -14.36
C ASP A 300 8.67 -7.27 -13.59
N LYS A 301 9.29 -7.70 -12.50
CA LYS A 301 8.78 -8.81 -11.71
C LYS A 301 7.71 -8.41 -10.70
N LEU A 302 7.54 -7.11 -10.43
CA LEU A 302 6.42 -6.63 -9.62
C LEU A 302 5.19 -6.37 -10.47
N LEU A 303 5.37 -5.74 -11.63
CA LEU A 303 4.24 -5.31 -12.45
C LEU A 303 3.84 -6.43 -13.40
N ARG A 304 3.16 -7.44 -12.85
CA ARG A 304 2.55 -8.51 -13.63
C ARG A 304 1.04 -8.40 -13.53
N TYR A 305 0.33 -8.65 -14.62
CA TYR A 305 -1.13 -8.74 -14.52
C TYR A 305 -1.54 -9.79 -13.50
N ASP A 306 -1.00 -11.00 -13.66
CA ASP A 306 -1.38 -12.12 -12.81
C ASP A 306 -0.84 -11.90 -11.41
N HIS A 307 -1.75 -11.65 -10.46
CA HIS A 307 -1.34 -11.43 -9.07
C HIS A 307 -0.54 -12.62 -8.54
N GLN A 308 -0.79 -13.83 -9.05
CA GLN A 308 -0.06 -15.00 -8.60
C GLN A 308 1.37 -15.04 -9.12
N SER A 309 1.72 -14.21 -10.11
CA SER A 309 3.04 -14.20 -10.71
C SER A 309 3.96 -13.13 -10.14
N ARG A 310 3.44 -12.20 -9.34
CA ARG A 310 4.28 -11.13 -8.81
C ARG A 310 5.22 -11.66 -7.73
N LEU A 311 6.40 -11.01 -7.62
CA LEU A 311 7.25 -11.25 -6.45
C LEU A 311 6.45 -11.06 -5.17
N THR A 312 6.69 -11.95 -4.21
CA THR A 312 6.27 -11.67 -2.84
C THR A 312 7.24 -10.67 -2.21
N ALA A 313 6.83 -10.11 -1.08
CA ALA A 313 7.70 -9.16 -0.41
C ALA A 313 9.04 -9.78 -0.04
N ARG A 314 9.03 -11.02 0.48
CA ARG A 314 10.28 -11.68 0.84
C ARG A 314 11.13 -11.96 -0.38
N GLU A 315 10.50 -12.48 -1.45
CA GLU A 315 11.24 -12.68 -2.70
C GLU A 315 11.84 -11.38 -3.19
N ALA A 316 11.08 -10.28 -3.09
CA ALA A 316 11.58 -9.01 -3.56
C ALA A 316 12.83 -8.59 -2.80
N MET A 317 12.86 -8.85 -1.49
CA MET A 317 14.03 -8.46 -0.71
CA MET A 317 14.02 -8.50 -0.66
C MET A 317 15.26 -9.30 -1.05
N GLU A 318 15.07 -10.44 -1.74
CA GLU A 318 16.21 -11.23 -2.23
C GLU A 318 16.76 -10.71 -3.55
N HIS A 319 16.13 -9.71 -4.17
CA HIS A 319 16.46 -9.36 -5.55
C HIS A 319 17.81 -8.63 -5.63
N PRO A 320 18.57 -8.87 -6.69
CA PRO A 320 19.87 -8.18 -6.85
C PRO A 320 19.83 -6.66 -6.79
N TYR A 321 18.67 -6.03 -7.07
CA TYR A 321 18.56 -4.57 -6.92
C TYR A 321 19.01 -4.11 -5.54
N PHE A 322 18.85 -4.94 -4.52
CA PHE A 322 19.15 -4.53 -3.16
C PHE A 322 20.54 -4.94 -2.72
N TYR A 323 21.34 -5.54 -3.60
CA TYR A 323 22.69 -5.94 -3.21
C TYR A 323 23.54 -4.74 -2.79
N THR A 324 23.32 -3.56 -3.40
CA THR A 324 24.14 -2.39 -3.05
C THR A 324 23.69 -1.71 -1.77
N VAL A 325 22.52 -2.03 -1.26
CA VAL A 325 22.01 -1.40 -0.04
C VAL A 325 22.75 -1.97 1.16
N VAL A 326 23.31 -1.09 1.99
CA VAL A 326 24.02 -1.53 3.18
C VAL A 326 23.03 -2.18 4.13
N LYS A 327 23.34 -3.40 4.55
CA LYS A 327 22.46 -4.10 5.47
C LYS A 327 22.88 -3.82 6.91
N ASP A 328 21.90 -3.93 7.81
CA ASP A 328 22.08 -3.61 9.22
C ASP A 328 22.43 -4.85 10.03
C01 A1IYV B . 3.43 13.51 10.14
C03 A1IYV B . 2.49 11.39 10.61
C04 A1IYV B . 2.44 10.31 11.48
C06 A1IYV B . 1.39 9.42 11.40
C07 A1IYV B . 0.40 9.62 10.47
C08 A1IYV B . 0.45 10.70 9.59
C09 A1IYV B . 1.50 11.59 9.66
C10 A1IYV B . -0.69 8.59 10.46
C11 A1IYV B . -1.75 8.53 9.67
C13 A1IYV B . -3.78 8.79 8.04
C15 A1IYV B . -2.52 7.18 9.58
C18 A1IYV B . -4.84 10.39 6.63
C19 A1IYV B . -6.00 11.09 6.85
C20 A1IYV B . -6.15 12.32 6.23
C21 A1IYV B . -5.17 12.82 5.39
C22 A1IYV B . -4.02 12.09 5.16
C23 A1IYV B . -3.86 10.86 5.77
C24 A1IYV B . -7.42 13.08 6.52
N14 A1IYV B . -3.78 7.36 8.59
N17 A1IYV B . -4.69 9.10 7.26
O02 A1IYV B . 3.58 12.26 10.76
O05 A1IYV B . 3.45 10.14 12.42
O16 A1IYV B . -2.24 6.17 10.16
S12 A1IYV B . -2.50 9.66 8.72
S SO4 C . 1.82 -11.17 -16.74
O1 SO4 C . 2.90 -11.98 -16.15
O2 SO4 C . 2.12 -9.74 -16.63
O3 SO4 C . 1.74 -11.49 -18.17
O4 SO4 C . 0.56 -11.55 -16.14
S SO4 D . -13.78 -2.33 2.81
O1 SO4 D . -14.48 -2.82 4.00
O2 SO4 D . -13.00 -1.15 3.17
O3 SO4 D . -12.91 -3.38 2.30
O4 SO4 D . -14.75 -1.99 1.78
S SO4 E . -12.92 3.72 -6.27
O1 SO4 E . -12.04 3.11 -5.29
O2 SO4 E . -13.95 4.49 -5.60
O3 SO4 E . -12.14 4.63 -7.12
O4 SO4 E . -13.54 2.69 -7.09
C1 EDO F . 3.75 5.87 -18.71
O1 EDO F . 3.53 6.31 -20.06
C2 EDO F . 2.79 4.75 -18.35
O2 EDO F . 1.44 5.23 -18.45
#